data_4B46
#
_entry.id   4B46
#
_cell.length_a   56.339
_cell.length_b   62.214
_cell.length_c   96.496
_cell.angle_alpha   90.00
_cell.angle_beta   90.00
_cell.angle_gamma   90.00
#
_symmetry.space_group_name_H-M   'P 21 21 21'
#
loop_
_entity.id
_entity.type
_entity.pdbx_description
1 polymer 'CELL DIVISION PROTEIN FTSZ'
2 non-polymer "GUANOSINE-5'-DIPHOSPHATE"
3 water water
#
_entity_poly.entity_id   1
_entity_poly.type   'polypeptide(L)'
_entity_poly.pdbx_seq_one_letter_code
;MKLAMIGFGQAGGKVVDKFVEYDRERNAGIVRAAVAVNSAKADLLGLKNIPKDQRVLIGQSRVKGHGVGADNELGAEIAE
EDIDEVQGAIDSIPVHEVDAFLVVSGLGGGTGSGGAPVLAKHLKRIYTEPVYGLGILPGSDEGGIYTLNAARSFQTFVRE
VDNLLVFDNDAWRKTGESVQGGYDEINEEIVNRFGVLFGAGEVQDGQEVAESVVDSSEIINTLAGGGVSTVGYASEGVEP
RKNNGGGLLSRLTGGDEPDDNLDTAHTTNRITSLVRKAALGRLTLPCEIEGAERALLVLAGPPEHLNRKGIERGRKWIEE
QTGSMEVRGGDYPIPGAEKVAGVILLSGVTNVPRIKELQQVAIEAQDNIEEIRQESDSNLETLINDDEDELESLF
;
_entity_poly.pdbx_strand_id   A
#
# COMPACT_ATOMS: atom_id res chain seq x y z
N MET A 1 -0.32 12.79 5.88
CA MET A 1 -1.66 12.48 5.42
C MET A 1 -2.38 11.56 6.41
N LYS A 2 -3.64 11.87 6.69
CA LYS A 2 -4.41 11.13 7.68
C LYS A 2 -5.21 10.04 7.01
N LEU A 3 -4.98 8.79 7.41
CA LEU A 3 -5.63 7.66 6.75
C LEU A 3 -6.53 6.86 7.69
N ALA A 4 -7.62 6.35 7.14
CA ALA A 4 -8.36 5.25 7.75
C ALA A 4 -7.89 3.94 7.11
N MET A 5 -7.13 3.15 7.84
CA MET A 5 -6.61 1.90 7.31
C MET A 5 -7.47 0.71 7.70
N ILE A 6 -7.85 -0.10 6.70
CA ILE A 6 -8.55 -1.35 6.94
C ILE A 6 -7.77 -2.51 6.35
N GLY A 7 -7.30 -3.40 7.23
CA GLY A 7 -6.63 -4.62 6.79
C GLY A 7 -7.65 -5.71 6.58
N PHE A 8 -7.54 -6.41 5.45
CA PHE A 8 -8.50 -7.46 5.10
C PHE A 8 -7.76 -8.78 4.90
N GLY A 9 -8.16 -9.81 5.65
CA GLY A 9 -7.43 -11.07 5.60
C GLY A 9 -6.22 -11.03 6.51
N GLN A 10 -5.49 -12.13 6.59
CA GLN A 10 -4.38 -12.23 7.54
C GLN A 10 -3.21 -11.29 7.23
N ALA A 11 -2.80 -11.24 5.98
CA ALA A 11 -1.70 -10.36 5.54
C ALA A 11 -2.04 -8.87 5.74
N GLY A 12 -3.20 -8.46 5.24
CA GLY A 12 -3.67 -7.09 5.40
C GLY A 12 -3.70 -6.69 6.86
N GLY A 13 -4.16 -7.60 7.70
CA GLY A 13 -4.22 -7.37 9.13
C GLY A 13 -2.85 -7.13 9.75
N LYS A 14 -1.88 -7.97 9.40
CA LYS A 14 -0.53 -7.87 9.95
C LYS A 14 0.16 -6.58 9.48
N VAL A 15 -0.09 -6.20 8.24
CA VAL A 15 0.52 -5.00 7.69
C VAL A 15 -0.05 -3.74 8.37
N VAL A 16 -1.37 -3.68 8.51
CA VAL A 16 -2.00 -2.56 9.21
C VAL A 16 -1.55 -2.49 10.66
N ASP A 17 -1.46 -3.64 11.30
CA ASP A 17 -0.96 -3.74 12.68
C ASP A 17 0.43 -3.11 12.78
N LYS A 18 1.31 -3.44 11.83
CA LYS A 18 2.67 -2.92 11.84
C LYS A 18 2.71 -1.43 11.50
N PHE A 19 1.82 -1.01 10.62
CA PHE A 19 1.67 0.40 10.30
C PHE A 19 1.30 1.21 11.53
N VAL A 20 0.41 0.67 12.36
CA VAL A 20 0.03 1.32 13.60
C VAL A 20 1.24 1.48 14.53
N GLU A 21 2.06 0.45 14.62
CA GLU A 21 3.25 0.48 15.47
C GLU A 21 4.29 1.50 14.95
N TYR A 22 4.47 1.51 13.63
CA TYR A 22 5.39 2.44 12.98
C TYR A 22 4.96 3.88 13.23
N ASP A 23 3.68 4.13 13.02
CA ASP A 23 3.08 5.45 13.16
C ASP A 23 3.20 5.94 14.60
N ARG A 24 3.01 5.02 15.54
CA ARG A 24 3.10 5.32 16.96
C ARG A 24 4.54 5.62 17.40
N GLU A 25 5.49 4.81 16.92
CA GLU A 25 6.90 4.98 17.27
C GLU A 25 7.45 6.33 16.81
N ARG A 26 6.91 6.83 15.70
CA ARG A 26 7.45 8.04 15.09
C ARG A 26 6.53 9.23 15.28
N ASN A 27 5.38 8.99 15.91
CA ASN A 27 4.38 10.05 16.10
C ASN A 27 4.09 10.71 14.76
N ALA A 28 3.91 9.88 13.74
CA ALA A 28 3.80 10.35 12.37
C ALA A 28 2.41 10.92 12.05
N GLY A 29 1.42 10.59 12.86
CA GLY A 29 0.07 11.11 12.67
C GLY A 29 -0.64 10.55 11.44
N ILE A 30 -0.20 9.40 10.96
CA ILE A 30 -0.75 8.82 9.73
C ILE A 30 -2.01 7.98 9.91
N VAL A 31 -1.97 7.05 10.86
CA VAL A 31 -3.07 6.11 11.04
C VAL A 31 -4.11 6.67 12.00
N ARG A 32 -5.07 7.42 11.47
CA ARG A 32 -6.07 8.07 12.28
C ARG A 32 -7.09 7.04 12.78
N ALA A 33 -7.23 5.97 12.00
CA ALA A 33 -8.10 4.86 12.40
C ALA A 33 -7.58 3.57 11.79
N ALA A 34 -7.60 2.50 12.57
CA ALA A 34 -7.20 1.21 12.04
C ALA A 34 -8.26 0.13 12.35
N VAL A 35 -8.62 -0.64 11.33
CA VAL A 35 -9.61 -1.70 11.46
C VAL A 35 -9.07 -2.96 10.77
N ALA A 36 -9.36 -4.13 11.33
CA ALA A 36 -8.95 -5.42 10.75
C ALA A 36 -10.19 -6.29 10.53
N VAL A 37 -10.31 -6.84 9.33
CA VAL A 37 -11.46 -7.67 8.98
C VAL A 37 -10.94 -9.04 8.57
N ASN A 38 -11.51 -10.09 9.15
CA ASN A 38 -11.07 -11.44 8.82
C ASN A 38 -12.19 -12.44 9.08
N SER A 39 -12.04 -13.65 8.53
CA SER A 39 -13.03 -14.71 8.75
C SER A 39 -12.40 -15.78 9.62
N ALA A 40 -11.12 -15.59 9.94
CA ALA A 40 -10.39 -16.52 10.77
C ALA A 40 -10.16 -15.88 12.11
N LYS A 41 -10.74 -16.47 13.15
CA LYS A 41 -10.73 -15.87 14.48
C LYS A 41 -9.34 -15.80 15.08
N ALA A 42 -8.57 -16.86 14.90
CA ALA A 42 -7.21 -16.92 15.43
C ALA A 42 -6.33 -15.78 14.91
N ASP A 43 -6.51 -15.37 13.66
CA ASP A 43 -5.74 -14.27 13.08
C ASP A 43 -5.98 -12.96 13.79
N LEU A 44 -7.25 -12.68 14.11
CA LEU A 44 -7.60 -11.42 14.76
C LEU A 44 -7.06 -11.36 16.18
N LEU A 45 -7.03 -12.50 16.87
CA LEU A 45 -6.49 -12.57 18.21
C LEU A 45 -5.00 -12.29 18.25
N GLY A 46 -4.32 -12.60 17.15
CA GLY A 46 -2.88 -12.43 17.07
C GLY A 46 -2.42 -11.00 16.88
N LEU A 47 -3.34 -10.10 16.55
CA LEU A 47 -2.95 -8.71 16.33
C LEU A 47 -2.61 -8.06 17.65
N LYS A 48 -1.80 -7.02 17.61
CA LYS A 48 -1.22 -6.46 18.82
C LYS A 48 -1.63 -5.01 19.05
N ASN A 49 -1.88 -4.30 17.97
CA ASN A 49 -2.00 -2.85 18.03
C ASN A 49 -3.37 -2.32 17.63
N ILE A 50 -4.14 -3.15 16.96
CA ILE A 50 -5.48 -2.76 16.54
C ILE A 50 -6.46 -3.03 17.68
N PRO A 51 -7.24 -2.01 18.08
CA PRO A 51 -8.19 -2.16 19.20
C PRO A 51 -9.14 -3.34 18.98
N LYS A 52 -9.44 -4.08 20.04
CA LYS A 52 -10.29 -5.28 19.93
C LYS A 52 -11.64 -4.96 19.31
N ASP A 53 -12.17 -3.79 19.64
CA ASP A 53 -13.42 -3.32 19.07
C ASP A 53 -13.32 -2.98 17.58
N GLN A 54 -12.10 -2.90 17.05
CA GLN A 54 -11.91 -2.63 15.63
C GLN A 54 -11.43 -3.87 14.86
N ARG A 55 -11.55 -5.02 15.50
CA ARG A 55 -11.28 -6.31 14.85
C ARG A 55 -12.62 -6.96 14.53
N VAL A 56 -12.92 -7.10 13.24
CA VAL A 56 -14.23 -7.60 12.85
C VAL A 56 -14.14 -9.00 12.27
N LEU A 57 -14.85 -9.94 12.90
CA LEU A 57 -14.97 -11.29 12.38
C LEU A 57 -16.20 -11.40 11.49
N ILE A 58 -16.01 -11.77 10.23
CA ILE A 58 -17.13 -11.97 9.31
C ILE A 58 -17.22 -13.41 8.86
N GLY A 59 -18.32 -13.75 8.21
CA GLY A 59 -18.48 -15.07 7.64
C GLY A 59 -18.76 -16.16 8.66
N GLN A 60 -19.13 -15.77 9.87
CA GLN A 60 -19.33 -16.77 10.93
C GLN A 60 -20.36 -17.83 10.53
N SER A 61 -21.43 -17.39 9.85
CA SER A 61 -22.49 -18.30 9.44
C SER A 61 -22.03 -19.31 8.38
N ARG A 62 -20.92 -19.03 7.71
CA ARG A 62 -20.41 -19.89 6.64
C ARG A 62 -19.17 -20.68 7.03
N VAL A 63 -18.28 -20.09 7.83
CA VAL A 63 -17.05 -20.78 8.15
C VAL A 63 -16.74 -20.85 9.65
N LYS A 64 -17.62 -20.30 10.47
CA LYS A 64 -17.55 -20.48 11.91
C LYS A 64 -16.19 -20.13 12.52
N GLY A 65 -15.60 -19.04 12.04
CA GLY A 65 -14.32 -18.58 12.56
C GLY A 65 -13.09 -19.29 12.03
N HIS A 66 -13.26 -20.11 11.00
CA HIS A 66 -12.16 -20.93 10.51
C HIS A 66 -11.55 -20.47 9.20
N GLY A 67 -11.96 -19.31 8.73
CA GLY A 67 -11.44 -18.79 7.47
C GLY A 67 -12.03 -19.46 6.25
N VAL A 68 -11.74 -18.91 5.07
CA VAL A 68 -12.22 -19.47 3.82
C VAL A 68 -11.08 -20.12 3.05
N GLY A 69 -9.92 -20.26 3.70
CA GLY A 69 -8.75 -20.81 3.04
C GLY A 69 -8.40 -19.88 1.89
N ALA A 70 -8.25 -20.43 0.69
CA ALA A 70 -7.89 -19.65 -0.47
C ALA A 70 -9.05 -19.61 -1.47
N ASP A 71 -10.26 -19.71 -0.94
CA ASP A 71 -11.46 -19.66 -1.75
C ASP A 71 -11.89 -18.20 -1.80
N ASN A 72 -11.38 -17.47 -2.78
CA ASN A 72 -11.67 -16.04 -2.80
C ASN A 72 -13.09 -15.74 -3.27
N GLU A 73 -13.70 -16.67 -4.00
CA GLU A 73 -15.10 -16.51 -4.39
C GLU A 73 -15.98 -16.49 -3.14
N LEU A 74 -15.70 -17.41 -2.21
CA LEU A 74 -16.40 -17.46 -0.93
C LEU A 74 -16.05 -16.24 -0.10
N GLY A 75 -14.79 -15.79 -0.20
CA GLY A 75 -14.35 -14.57 0.48
C GLY A 75 -15.15 -13.35 0.05
N ALA A 76 -15.43 -13.27 -1.25
CA ALA A 76 -16.25 -12.18 -1.76
C ALA A 76 -17.70 -12.30 -1.27
N GLU A 77 -18.23 -13.51 -1.24
CA GLU A 77 -19.60 -13.71 -0.78
C GLU A 77 -19.80 -13.34 0.69
N ILE A 78 -18.86 -13.72 1.55
CA ILE A 78 -19.01 -13.40 2.97
C ILE A 78 -18.84 -11.90 3.22
N ALA A 79 -17.95 -11.26 2.47
CA ALA A 79 -17.79 -9.82 2.58
C ALA A 79 -19.08 -9.10 2.19
N GLU A 80 -19.75 -9.60 1.15
CA GLU A 80 -21.00 -8.99 0.73
C GLU A 80 -22.13 -9.23 1.73
N GLU A 81 -22.20 -10.44 2.28
CA GLU A 81 -23.27 -10.80 3.22
C GLU A 81 -23.09 -10.05 4.53
N ASP A 82 -21.84 -9.91 4.95
CA ASP A 82 -21.56 -9.37 6.28
C ASP A 82 -20.98 -7.95 6.27
N ILE A 83 -21.21 -7.21 5.19
CA ILE A 83 -20.64 -5.86 5.06
C ILE A 83 -21.10 -4.93 6.18
N ASP A 84 -22.29 -5.20 6.73
CA ASP A 84 -22.79 -4.36 7.82
C ASP A 84 -22.01 -4.57 9.11
N GLU A 85 -21.42 -5.74 9.29
CA GLU A 85 -20.55 -5.97 10.44
C GLU A 85 -19.32 -5.08 10.35
N VAL A 86 -18.77 -5.00 9.13
CA VAL A 86 -17.62 -4.16 8.91
C VAL A 86 -17.99 -2.70 9.10
N GLN A 87 -19.12 -2.31 8.52
CA GLN A 87 -19.60 -0.92 8.62
C GLN A 87 -19.87 -0.53 10.07
N GLY A 88 -20.29 -1.51 10.87
CA GLY A 88 -20.50 -1.30 12.29
C GLY A 88 -19.25 -0.74 12.94
N ALA A 89 -18.11 -1.36 12.63
CA ALA A 89 -16.80 -0.90 13.14
C ALA A 89 -16.33 0.42 12.55
N ILE A 90 -16.60 0.61 11.26
CA ILE A 90 -16.22 1.84 10.58
C ILE A 90 -17.02 3.03 11.13
N ASP A 91 -18.22 2.76 11.63
CA ASP A 91 -19.07 3.81 12.20
C ASP A 91 -18.47 4.48 13.44
N SER A 92 -17.43 3.88 13.99
CA SER A 92 -16.77 4.43 15.18
C SER A 92 -15.58 5.31 14.79
N ILE A 93 -15.15 5.18 13.53
CA ILE A 93 -14.07 5.99 12.99
C ILE A 93 -14.51 7.44 12.75
N PRO A 94 -13.71 8.41 13.21
CA PRO A 94 -14.00 9.82 12.91
C PRO A 94 -13.62 10.12 11.45
N VAL A 95 -14.52 9.78 10.54
CA VAL A 95 -14.25 9.86 9.11
C VAL A 95 -14.00 11.30 8.64
N HIS A 96 -14.67 12.28 9.26
CA HIS A 96 -14.44 13.68 8.91
C HIS A 96 -12.99 14.10 9.15
N GLU A 97 -12.24 13.30 9.91
CA GLU A 97 -10.86 13.66 10.24
C GLU A 97 -9.83 12.92 9.40
N VAL A 98 -10.27 12.22 8.36
CA VAL A 98 -9.32 11.53 7.49
C VAL A 98 -9.32 12.09 6.07
N ASP A 99 -8.15 12.03 5.44
CA ASP A 99 -7.96 12.47 4.06
C ASP A 99 -8.35 11.37 3.06
N ALA A 100 -8.19 10.12 3.47
CA ALA A 100 -8.48 9.01 2.58
C ALA A 100 -8.61 7.69 3.33
N PHE A 101 -9.25 6.72 2.69
CA PHE A 101 -9.27 5.34 3.17
C PHE A 101 -8.18 4.56 2.46
N LEU A 102 -7.59 3.59 3.15
CA LEU A 102 -6.66 2.65 2.53
C LEU A 102 -7.03 1.20 2.89
N VAL A 103 -7.41 0.42 1.88
CA VAL A 103 -7.77 -0.97 2.06
C VAL A 103 -6.57 -1.83 1.72
N VAL A 104 -6.05 -2.54 2.72
CA VAL A 104 -4.83 -3.30 2.57
C VAL A 104 -5.11 -4.81 2.59
N SER A 105 -4.52 -5.54 1.66
CA SER A 105 -4.82 -6.96 1.52
C SER A 105 -3.83 -7.71 0.65
N GLY A 106 -3.58 -8.97 1.01
CA GLY A 106 -2.88 -9.88 0.12
C GLY A 106 -3.88 -10.32 -0.94
N LEU A 107 -3.43 -10.48 -2.17
CA LEU A 107 -4.39 -10.81 -3.23
C LEU A 107 -4.42 -12.31 -3.54
N GLY A 108 -3.48 -13.06 -2.96
CA GLY A 108 -3.31 -14.47 -3.31
C GLY A 108 -4.21 -15.44 -2.56
N GLY A 109 -4.87 -14.97 -1.49
CA GLY A 109 -5.64 -15.84 -0.61
C GLY A 109 -7.14 -15.84 -0.86
N GLY A 110 -7.94 -15.92 0.20
CA GLY A 110 -9.38 -15.99 0.05
C GLY A 110 -10.16 -14.84 0.66
N THR A 111 -9.87 -14.52 1.92
CA THR A 111 -10.64 -13.52 2.65
C THR A 111 -10.36 -12.13 2.12
N GLY A 112 -9.09 -11.74 2.11
CA GLY A 112 -8.68 -10.44 1.62
C GLY A 112 -8.88 -10.33 0.11
N SER A 113 -8.46 -11.37 -0.60
CA SER A 113 -8.55 -11.41 -2.05
C SER A 113 -9.97 -11.14 -2.54
N GLY A 114 -10.95 -11.82 -1.94
CA GLY A 114 -12.34 -11.62 -2.32
C GLY A 114 -13.01 -10.43 -1.66
N GLY A 115 -12.66 -10.15 -0.41
CA GLY A 115 -13.35 -9.13 0.36
C GLY A 115 -12.88 -7.70 0.21
N ALA A 116 -11.58 -7.51 -0.05
CA ALA A 116 -11.07 -6.15 -0.22
C ALA A 116 -11.76 -5.35 -1.32
N PRO A 117 -11.96 -5.95 -2.52
CA PRO A 117 -12.67 -5.17 -3.54
C PRO A 117 -14.12 -4.88 -3.18
N VAL A 118 -14.76 -5.78 -2.44
CA VAL A 118 -16.13 -5.60 -2.00
C VAL A 118 -16.17 -4.42 -1.04
N LEU A 119 -15.22 -4.37 -0.12
CA LEU A 119 -15.17 -3.26 0.82
C LEU A 119 -14.90 -1.94 0.10
N ALA A 120 -13.95 -1.94 -0.84
CA ALA A 120 -13.59 -0.70 -1.54
C ALA A 120 -14.81 -0.10 -2.24
N LYS A 121 -15.58 -0.95 -2.90
CA LYS A 121 -16.80 -0.53 -3.58
C LYS A 121 -17.81 0.04 -2.58
N HIS A 122 -17.98 -0.64 -1.46
CA HIS A 122 -18.89 -0.21 -0.40
C HIS A 122 -18.49 1.17 0.13
N LEU A 123 -17.19 1.36 0.36
CA LEU A 123 -16.69 2.64 0.87
C LEU A 123 -16.91 3.80 -0.11
N LYS A 124 -16.65 3.57 -1.39
CA LYS A 124 -16.85 4.62 -2.40
C LYS A 124 -18.32 4.98 -2.55
N ARG A 125 -19.18 4.04 -2.17
CA ARG A 125 -20.61 4.21 -2.31
C ARG A 125 -21.19 5.13 -1.23
N ILE A 126 -20.59 5.11 -0.04
CA ILE A 126 -21.16 5.87 1.07
C ILE A 126 -20.32 7.07 1.51
N TYR A 127 -19.02 7.06 1.20
CA TYR A 127 -18.14 8.17 1.55
C TYR A 127 -17.64 8.88 0.31
N THR A 128 -17.24 10.14 0.46
CA THR A 128 -16.75 10.94 -0.66
C THR A 128 -15.23 11.16 -0.64
N GLU A 129 -14.56 10.76 0.43
CA GLU A 129 -13.10 10.83 0.46
C GLU A 129 -12.52 9.78 -0.50
N PRO A 130 -11.29 10.00 -0.99
CA PRO A 130 -10.67 8.96 -1.86
C PRO A 130 -10.52 7.62 -1.14
N VAL A 131 -10.68 6.53 -1.88
CA VAL A 131 -10.49 5.19 -1.33
C VAL A 131 -9.38 4.51 -2.13
N TYR A 132 -8.26 4.26 -1.48
CA TYR A 132 -7.14 3.62 -2.15
C TYR A 132 -7.01 2.18 -1.68
N GLY A 133 -6.37 1.37 -2.52
CA GLY A 133 -6.03 0.00 -2.20
C GLY A 133 -4.53 -0.14 -2.06
N LEU A 134 -4.10 -1.03 -1.18
CA LEU A 134 -2.72 -1.52 -1.19
C LEU A 134 -2.81 -3.01 -1.37
N GLY A 135 -2.52 -3.47 -2.58
CA GLY A 135 -2.65 -4.87 -2.94
C GLY A 135 -1.28 -5.52 -2.89
N ILE A 136 -1.18 -6.66 -2.20
CA ILE A 136 0.08 -7.34 -2.07
C ILE A 136 0.07 -8.64 -2.90
N LEU A 137 0.92 -8.69 -3.93
CA LEU A 137 0.95 -9.84 -4.84
C LEU A 137 1.74 -10.98 -4.25
N PRO A 138 1.38 -12.22 -4.63
CA PRO A 138 2.01 -13.38 -4.01
C PRO A 138 3.39 -13.69 -4.57
N GLY A 139 4.14 -14.50 -3.85
CA GLY A 139 5.40 -15.03 -4.35
C GLY A 139 5.09 -16.11 -5.36
N SER A 140 5.92 -16.18 -6.40
CA SER A 140 5.74 -17.19 -7.45
C SER A 140 6.00 -18.60 -6.94
N ASP A 141 6.57 -18.72 -5.75
CA ASP A 141 6.81 -20.03 -5.14
C ASP A 141 5.59 -20.57 -4.36
N GLU A 142 4.55 -19.77 -4.19
CA GLU A 142 3.41 -20.17 -3.37
C GLU A 142 2.57 -21.28 -4.01
N GLY A 143 2.32 -21.16 -5.31
CA GLY A 143 1.53 -22.15 -5.99
C GLY A 143 0.57 -21.51 -6.98
N GLY A 144 0.21 -22.23 -8.02
CA GLY A 144 -0.66 -21.69 -9.06
C GLY A 144 -1.99 -21.14 -8.58
N ILE A 145 -2.59 -21.75 -7.57
CA ILE A 145 -3.88 -21.24 -7.10
C ILE A 145 -3.75 -19.82 -6.52
N TYR A 146 -2.63 -19.53 -5.87
CA TYR A 146 -2.44 -18.20 -5.30
C TYR A 146 -2.21 -17.17 -6.39
N THR A 147 -1.50 -17.55 -7.44
CA THR A 147 -1.31 -16.67 -8.58
C THR A 147 -2.65 -16.36 -9.27
N LEU A 148 -3.46 -17.40 -9.46
CA LEU A 148 -4.79 -17.26 -10.04
C LEU A 148 -5.71 -16.37 -9.19
N ASN A 149 -5.73 -16.61 -7.88
CA ASN A 149 -6.51 -15.75 -7.00
C ASN A 149 -6.10 -14.29 -7.13
N ALA A 150 -4.79 -14.05 -7.24
CA ALA A 150 -4.29 -12.69 -7.29
C ALA A 150 -4.71 -12.01 -8.58
N ALA A 151 -4.60 -12.76 -9.66
CA ALA A 151 -4.99 -12.30 -10.99
C ALA A 151 -6.46 -11.86 -10.98
N ARG A 152 -7.35 -12.73 -10.49
CA ARG A 152 -8.78 -12.40 -10.39
C ARG A 152 -9.08 -11.26 -9.44
N SER A 153 -8.42 -11.25 -8.29
CA SER A 153 -8.60 -10.20 -7.30
C SER A 153 -8.12 -8.84 -7.85
N PHE A 154 -6.96 -8.85 -8.48
CA PHE A 154 -6.38 -7.63 -9.05
C PHE A 154 -7.35 -6.97 -10.03
N GLN A 155 -7.94 -7.76 -10.93
CA GLN A 155 -8.86 -7.24 -11.94
C GLN A 155 -9.99 -6.46 -11.29
N THR A 156 -10.53 -7.00 -10.21
CA THR A 156 -11.69 -6.37 -9.55
C THR A 156 -11.25 -5.22 -8.67
N PHE A 157 -10.22 -5.46 -7.87
CA PHE A 157 -9.71 -4.45 -6.92
C PHE A 157 -9.33 -3.13 -7.62
N VAL A 158 -8.63 -3.24 -8.75
CA VAL A 158 -8.13 -2.05 -9.43
C VAL A 158 -9.28 -1.20 -9.93
N ARG A 159 -10.40 -1.85 -10.24
CA ARG A 159 -11.57 -1.16 -10.76
C ARG A 159 -12.41 -0.50 -9.65
N GLU A 160 -12.21 -0.92 -8.41
CA GLU A 160 -13.07 -0.43 -7.31
C GLU A 160 -12.43 0.62 -6.42
N VAL A 161 -11.14 0.88 -6.61
CA VAL A 161 -10.46 1.92 -5.84
C VAL A 161 -10.12 3.13 -6.72
N ASP A 162 -9.85 4.27 -6.10
CA ASP A 162 -9.38 5.43 -6.86
C ASP A 162 -7.97 5.22 -7.41
N ASN A 163 -7.20 4.36 -6.75
CA ASN A 163 -5.85 4.01 -7.18
C ASN A 163 -5.41 2.79 -6.42
N LEU A 164 -4.73 1.88 -7.09
CA LEU A 164 -4.25 0.68 -6.43
C LEU A 164 -2.74 0.72 -6.32
N LEU A 165 -2.25 0.97 -5.12
CA LEU A 165 -0.84 0.89 -4.81
C LEU A 165 -0.50 -0.59 -4.68
N VAL A 166 0.60 -1.01 -5.29
CA VAL A 166 0.93 -2.44 -5.32
C VAL A 166 2.31 -2.72 -4.70
N PHE A 167 2.36 -3.77 -3.89
CA PHE A 167 3.62 -4.34 -3.42
C PHE A 167 3.65 -5.80 -3.84
N ASP A 168 4.70 -6.20 -4.57
CA ASP A 168 4.79 -7.56 -5.08
C ASP A 168 5.74 -8.42 -4.23
N ASN A 169 5.19 -9.32 -3.42
CA ASN A 169 6.03 -10.24 -2.63
C ASN A 169 7.06 -10.97 -3.48
N ASP A 170 6.71 -11.26 -4.74
CA ASP A 170 7.62 -12.05 -5.56
C ASP A 170 8.96 -11.33 -5.83
N ALA A 171 8.92 -10.00 -5.81
CA ALA A 171 10.14 -9.21 -6.05
C ALA A 171 10.93 -9.03 -4.77
N TRP A 172 10.33 -9.37 -3.63
CA TRP A 172 10.96 -9.11 -2.35
C TRP A 172 11.15 -10.39 -1.52
N ARG A 173 11.17 -11.54 -2.18
CA ARG A 173 11.31 -12.80 -1.47
C ARG A 173 12.61 -12.89 -0.67
N LYS A 174 12.53 -13.52 0.49
CA LYS A 174 13.69 -13.69 1.35
C LYS A 174 14.01 -15.20 1.39
N THR A 175 15.08 -15.58 0.73
CA THR A 175 15.33 -16.98 0.41
C THR A 175 15.66 -17.92 1.57
N GLY A 176 16.72 -17.60 2.31
CA GLY A 176 17.22 -18.51 3.34
C GLY A 176 16.31 -18.64 4.54
N GLU A 177 15.21 -17.89 4.54
CA GLU A 177 14.38 -17.74 5.72
C GLU A 177 13.10 -18.55 5.69
N SER A 178 12.52 -18.71 6.88
CA SER A 178 11.22 -19.32 7.02
C SER A 178 10.18 -18.42 6.35
N VAL A 179 9.01 -18.96 6.08
CA VAL A 179 7.93 -18.20 5.49
C VAL A 179 7.56 -17.00 6.34
N GLN A 180 7.35 -17.25 7.63
CA GLN A 180 6.88 -16.22 8.54
C GLN A 180 7.97 -15.19 8.83
N GLY A 181 9.22 -15.66 8.92
CA GLY A 181 10.36 -14.78 9.13
C GLY A 181 10.52 -13.84 7.95
N GLY A 182 10.27 -14.37 6.75
CA GLY A 182 10.31 -13.59 5.54
C GLY A 182 9.26 -12.49 5.55
N TYR A 183 8.04 -12.85 5.96
CA TYR A 183 6.94 -11.88 6.02
C TYR A 183 7.20 -10.76 7.01
N ASP A 184 7.84 -11.07 8.14
CA ASP A 184 8.18 -10.04 9.13
C ASP A 184 9.10 -8.99 8.54
N GLU A 185 10.08 -9.41 7.75
CA GLU A 185 11.00 -8.46 7.14
C GLU A 185 10.33 -7.75 5.98
N ILE A 186 9.54 -8.49 5.20
CA ILE A 186 8.80 -7.85 4.11
C ILE A 186 7.82 -6.78 4.62
N ASN A 187 7.12 -7.10 5.71
CA ASN A 187 6.18 -6.13 6.28
C ASN A 187 6.87 -4.86 6.78
N GLU A 188 8.10 -4.98 7.27
CA GLU A 188 8.91 -3.82 7.65
C GLU A 188 9.23 -2.97 6.43
N GLU A 189 9.60 -3.63 5.34
CA GLU A 189 9.91 -2.96 4.08
C GLU A 189 8.68 -2.22 3.53
N ILE A 190 7.52 -2.86 3.65
CA ILE A 190 6.28 -2.26 3.19
C ILE A 190 5.99 -0.99 3.98
N VAL A 191 6.03 -1.10 5.30
CA VAL A 191 5.67 0.02 6.16
C VAL A 191 6.68 1.18 6.09
N ASN A 192 7.97 0.89 5.96
CA ASN A 192 8.98 1.95 5.84
C ASN A 192 8.78 2.79 4.59
N ARG A 193 8.34 2.14 3.53
CA ARG A 193 8.15 2.81 2.25
C ARG A 193 6.89 3.62 2.21
N PHE A 194 5.75 2.98 2.49
CA PHE A 194 4.48 3.71 2.49
C PHE A 194 4.34 4.64 3.69
N GLY A 195 5.04 4.32 4.77
CA GLY A 195 5.06 5.20 5.91
C GLY A 195 5.76 6.52 5.60
N VAL A 196 6.81 6.47 4.79
CA VAL A 196 7.51 7.71 4.45
C VAL A 196 6.63 8.54 3.52
N LEU A 197 6.00 7.87 2.55
CA LEU A 197 5.14 8.56 1.60
C LEU A 197 3.97 9.27 2.27
N PHE A 198 3.27 8.59 3.17
CA PHE A 198 2.03 9.13 3.72
C PHE A 198 2.28 10.03 4.93
N GLY A 199 3.54 10.12 5.32
CA GLY A 199 3.92 10.88 6.49
C GLY A 199 3.72 12.37 6.31
N SER A 212 9.52 23.52 0.53
CA SER A 212 8.08 23.42 0.75
C SER A 212 7.66 21.99 1.13
N VAL A 213 6.71 21.90 2.05
CA VAL A 213 6.30 20.63 2.64
C VAL A 213 5.23 19.95 1.79
N VAL A 214 5.35 18.63 1.63
CA VAL A 214 4.38 17.86 0.88
C VAL A 214 3.08 17.79 1.67
N ASP A 215 1.98 18.20 1.06
CA ASP A 215 0.69 18.05 1.73
C ASP A 215 -0.13 16.92 1.10
N SER A 216 -1.24 16.56 1.75
CA SER A 216 -2.10 15.48 1.29
C SER A 216 -2.63 15.73 -0.13
N SER A 217 -2.90 16.99 -0.44
CA SER A 217 -3.38 17.37 -1.76
C SER A 217 -2.45 16.88 -2.87
N GLU A 218 -1.16 17.00 -2.63
CA GLU A 218 -0.18 16.57 -3.62
C GLU A 218 -0.20 15.07 -3.84
N ILE A 219 -0.44 14.32 -2.78
CA ILE A 219 -0.52 12.87 -2.88
C ILE A 219 -1.80 12.49 -3.61
N ILE A 220 -2.91 13.09 -3.17
CA ILE A 220 -4.20 12.81 -3.78
C ILE A 220 -4.19 13.13 -5.27
N ASN A 221 -3.63 14.28 -5.61
CA ASN A 221 -3.55 14.70 -7.01
C ASN A 221 -2.59 13.83 -7.85
N THR A 222 -1.56 13.30 -7.22
CA THR A 222 -0.68 12.35 -7.91
C THR A 222 -1.41 11.05 -8.24
N LEU A 223 -2.29 10.62 -7.33
CA LEU A 223 -2.99 9.35 -7.49
C LEU A 223 -4.26 9.47 -8.31
N ALA A 224 -4.69 10.69 -8.60
CA ALA A 224 -6.05 10.93 -9.10
C ALA A 224 -6.35 10.31 -10.45
N GLY A 225 -5.33 10.10 -11.27
CA GLY A 225 -5.53 9.50 -12.59
C GLY A 225 -5.92 8.03 -12.55
N GLY A 226 -5.78 7.39 -11.39
CA GLY A 226 -6.21 6.01 -11.21
C GLY A 226 -5.24 4.97 -11.74
N GLY A 227 -5.66 3.72 -11.73
CA GLY A 227 -4.81 2.64 -12.20
C GLY A 227 -3.93 2.11 -11.11
N VAL A 228 -2.70 1.74 -11.48
CA VAL A 228 -1.76 1.09 -10.57
C VAL A 228 -0.61 2.03 -10.22
N SER A 229 -0.20 2.03 -8.95
CA SER A 229 0.98 2.79 -8.54
C SER A 229 2.08 1.92 -7.95
N THR A 230 3.31 2.41 -8.04
CA THR A 230 4.47 1.71 -7.50
C THR A 230 5.33 2.72 -6.75
N VAL A 231 6.09 2.24 -5.77
CA VAL A 231 6.92 3.14 -4.98
C VAL A 231 8.40 2.77 -5.00
N GLY A 232 9.26 3.77 -5.26
CA GLY A 232 10.69 3.59 -5.15
C GLY A 232 11.18 4.20 -3.86
N TYR A 233 12.32 3.75 -3.35
CA TYR A 233 12.73 4.13 -2.00
C TYR A 233 14.22 3.94 -1.79
N ALA A 234 14.86 4.96 -1.23
CA ALA A 234 16.22 4.84 -0.76
C ALA A 234 16.40 5.66 0.50
N SER A 235 17.30 5.22 1.38
CA SER A 235 17.56 5.96 2.60
C SER A 235 19.01 5.81 3.02
N GLU A 236 19.48 6.74 3.83
CA GLU A 236 20.81 6.66 4.38
C GLU A 236 20.93 7.49 5.65
N GLY A 237 21.86 7.10 6.51
CA GLY A 237 22.06 7.79 7.78
C GLY A 237 22.73 9.13 7.63
N VAL A 238 22.82 9.86 8.74
CA VAL A 238 23.47 11.18 8.78
C VAL A 238 22.77 12.18 7.89
N THR A 264 26.26 23.54 1.01
CA THR A 264 25.04 23.52 0.21
C THR A 264 25.14 22.48 -0.90
N ALA A 265 26.31 22.37 -1.50
CA ALA A 265 26.55 21.41 -2.57
C ALA A 265 26.44 19.98 -2.05
N HIS A 266 26.99 19.77 -0.86
CA HIS A 266 26.92 18.45 -0.21
C HIS A 266 25.47 18.03 -0.05
N THR A 267 24.68 18.88 0.58
CA THR A 267 23.25 18.63 0.76
C THR A 267 22.55 18.33 -0.58
N THR A 268 22.78 19.17 -1.58
CA THR A 268 22.12 19.02 -2.88
C THR A 268 22.49 17.69 -3.52
N ASN A 269 23.78 17.36 -3.56
CA ASN A 269 24.25 16.13 -4.15
C ASN A 269 23.77 14.86 -3.44
N ARG A 270 23.70 14.91 -2.11
CA ARG A 270 23.21 13.78 -1.33
C ARG A 270 21.75 13.50 -1.69
N ILE A 271 20.97 14.58 -1.81
CA ILE A 271 19.56 14.46 -2.18
C ILE A 271 19.39 13.89 -3.57
N THR A 272 20.11 14.44 -4.55
CA THR A 272 19.94 13.96 -5.91
C THR A 272 20.38 12.50 -6.04
N SER A 273 21.38 12.12 -5.25
CA SER A 273 21.83 10.72 -5.19
C SER A 273 20.75 9.78 -4.66
N LEU A 274 20.10 10.15 -3.56
CA LEU A 274 18.99 9.36 -3.03
C LEU A 274 17.87 9.23 -4.05
N VAL A 275 17.59 10.31 -4.76
CA VAL A 275 16.56 10.34 -5.78
C VAL A 275 16.87 9.30 -6.86
N ARG A 276 18.11 9.32 -7.36
CA ARG A 276 18.55 8.33 -8.33
C ARG A 276 18.47 6.90 -7.79
N LYS A 277 18.93 6.68 -6.56
CA LYS A 277 18.92 5.35 -5.96
C LYS A 277 17.51 4.82 -5.82
N ALA A 278 16.58 5.71 -5.45
CA ALA A 278 15.19 5.33 -5.29
C ALA A 278 14.54 5.00 -6.62
N ALA A 279 14.87 5.79 -7.65
CA ALA A 279 14.24 5.58 -8.96
C ALA A 279 14.76 4.33 -9.65
N LEU A 280 16.03 4.02 -9.42
CA LEU A 280 16.68 2.90 -10.11
C LEU A 280 16.75 1.64 -9.25
N GLY A 281 16.38 1.77 -7.98
CA GLY A 281 16.42 0.63 -7.07
C GLY A 281 15.17 -0.23 -7.23
N ARG A 282 15.05 -1.22 -6.37
CA ARG A 282 13.89 -2.12 -6.39
C ARG A 282 12.61 -1.37 -6.00
N LEU A 283 11.61 -1.45 -6.88
CA LEU A 283 10.30 -0.85 -6.65
C LEU A 283 9.36 -1.81 -5.92
N THR A 284 8.34 -1.28 -5.26
CA THR A 284 7.34 -2.12 -4.61
C THR A 284 6.72 -3.05 -5.65
N LEU A 285 6.38 -2.48 -6.80
CA LEU A 285 6.02 -3.24 -8.00
C LEU A 285 7.02 -2.95 -9.11
N PRO A 286 7.86 -3.94 -9.47
CA PRO A 286 8.84 -3.70 -10.54
C PRO A 286 8.16 -3.36 -11.86
N CYS A 287 8.75 -2.40 -12.58
CA CYS A 287 8.25 -1.98 -13.89
C CYS A 287 9.26 -1.02 -14.50
N GLU A 288 9.06 -0.64 -15.75
CA GLU A 288 9.84 0.44 -16.32
C GLU A 288 9.15 1.73 -15.90
N ILE A 289 9.92 2.69 -15.43
CA ILE A 289 9.34 3.91 -14.87
C ILE A 289 8.97 4.90 -15.98
N GLU A 290 9.52 4.68 -17.17
CA GLU A 290 9.14 5.48 -18.32
C GLU A 290 7.65 5.26 -18.61
N GLY A 291 6.93 6.35 -18.88
CA GLY A 291 5.51 6.22 -19.18
C GLY A 291 4.56 6.34 -18.00
N ALA A 292 5.09 6.48 -16.78
CA ALA A 292 4.24 6.73 -15.62
C ALA A 292 3.46 8.02 -15.86
N GLU A 293 2.24 8.09 -15.37
CA GLU A 293 1.38 9.24 -15.63
C GLU A 293 1.79 10.46 -14.80
N ARG A 294 2.04 10.24 -13.51
CA ARG A 294 2.38 11.33 -12.61
C ARG A 294 3.39 10.80 -11.61
N ALA A 295 4.28 11.66 -11.14
CA ALA A 295 5.30 11.27 -10.17
C ALA A 295 5.32 12.26 -9.01
N LEU A 296 5.63 11.75 -7.82
CA LEU A 296 5.77 12.60 -6.66
C LEU A 296 7.03 12.18 -5.94
N LEU A 297 7.91 13.15 -5.70
CA LEU A 297 9.14 12.92 -4.96
C LEU A 297 8.93 13.40 -3.53
N VAL A 298 9.34 12.57 -2.58
CA VAL A 298 9.26 12.93 -1.19
C VAL A 298 10.60 12.71 -0.51
N LEU A 299 11.14 13.77 0.09
CA LEU A 299 12.36 13.67 0.89
C LEU A 299 12.01 13.84 2.37
N ALA A 300 12.41 12.88 3.20
CA ALA A 300 12.11 12.97 4.63
C ALA A 300 13.40 12.93 5.42
N GLY A 301 13.52 13.84 6.38
CA GLY A 301 14.71 13.89 7.21
C GLY A 301 14.77 15.18 8.01
N PRO A 302 15.86 15.34 8.78
CA PRO A 302 16.05 16.54 9.57
C PRO A 302 16.23 17.74 8.65
N PRO A 303 15.58 18.86 8.97
CA PRO A 303 15.57 20.07 8.14
C PRO A 303 16.97 20.48 7.66
N GLU A 304 17.98 20.32 8.52
CA GLU A 304 19.32 20.80 8.19
C GLU A 304 19.97 20.00 7.05
N HIS A 305 19.44 18.80 6.78
CA HIS A 305 19.93 17.99 5.66
C HIS A 305 18.94 17.96 4.50
N LEU A 306 18.08 18.96 4.41
CA LEU A 306 17.14 19.10 3.30
C LEU A 306 17.30 20.49 2.70
N ASN A 307 17.15 20.62 1.39
CA ASN A 307 17.13 21.93 0.75
C ASN A 307 16.24 21.95 -0.49
N ARG A 308 16.00 23.14 -1.05
CA ARG A 308 15.10 23.24 -2.19
C ARG A 308 15.80 22.78 -3.47
N LYS A 309 17.08 23.07 -3.58
CA LYS A 309 17.82 22.80 -4.80
C LYS A 309 17.87 21.32 -5.15
N GLY A 310 18.06 20.47 -4.15
CA GLY A 310 18.15 19.03 -4.38
C GLY A 310 16.84 18.51 -4.91
N ILE A 311 15.76 19.02 -4.35
CA ILE A 311 14.42 18.60 -4.72
C ILE A 311 14.06 19.06 -6.12
N GLU A 312 14.40 20.31 -6.44
CA GLU A 312 14.18 20.83 -7.79
C GLU A 312 14.98 20.07 -8.84
N ARG A 313 16.27 19.85 -8.61
CA ARG A 313 17.07 19.00 -9.49
C ARG A 313 16.49 17.60 -9.55
N GLY A 314 16.00 17.11 -8.42
CA GLY A 314 15.44 15.77 -8.38
C GLY A 314 14.21 15.63 -9.26
N ARG A 315 13.33 16.63 -9.20
CA ARG A 315 12.13 16.65 -10.02
C ARG A 315 12.47 16.65 -11.52
N LYS A 316 13.40 17.50 -11.92
CA LYS A 316 13.83 17.52 -13.32
C LYS A 316 14.40 16.18 -13.76
N TRP A 317 15.25 15.60 -12.94
CA TRP A 317 15.84 14.30 -13.27
C TRP A 317 14.76 13.22 -13.39
N ILE A 318 13.79 13.23 -12.49
CA ILE A 318 12.69 12.26 -12.57
C ILE A 318 11.89 12.43 -13.86
N GLU A 319 11.67 13.68 -14.26
CA GLU A 319 10.97 13.94 -15.51
C GLU A 319 11.74 13.37 -16.71
N GLU A 320 13.06 13.55 -16.70
CA GLU A 320 13.91 12.98 -17.73
C GLU A 320 13.80 11.46 -17.81
N GLN A 321 13.69 10.81 -16.66
CA GLN A 321 13.67 9.36 -16.60
C GLN A 321 12.30 8.74 -16.84
N THR A 322 11.25 9.54 -16.73
CA THR A 322 9.89 8.98 -16.77
C THR A 322 9.05 9.52 -17.93
N GLY A 323 9.32 10.76 -18.32
CA GLY A 323 8.44 11.47 -19.23
C GLY A 323 7.07 11.75 -18.63
N SER A 324 6.97 11.73 -17.30
CA SER A 324 5.69 11.95 -16.63
C SER A 324 5.04 13.28 -16.99
N MET A 325 3.71 13.26 -17.05
CA MET A 325 2.92 14.45 -17.33
C MET A 325 3.20 15.55 -16.30
N GLU A 326 3.31 15.16 -15.04
CA GLU A 326 3.49 16.10 -13.94
C GLU A 326 4.48 15.50 -12.95
N VAL A 327 5.39 16.32 -12.43
CA VAL A 327 6.29 15.83 -11.40
C VAL A 327 6.28 16.77 -10.22
N ARG A 328 5.72 16.30 -9.11
CA ARG A 328 5.64 17.10 -7.90
C ARG A 328 6.77 16.66 -6.99
N GLY A 329 7.17 17.56 -6.09
CA GLY A 329 8.22 17.23 -5.15
C GLY A 329 8.20 18.12 -3.93
N GLY A 330 8.48 17.54 -2.77
CA GLY A 330 8.62 18.31 -1.56
C GLY A 330 9.29 17.49 -0.48
N ASP A 331 9.32 18.02 0.74
CA ASP A 331 9.89 17.24 1.84
C ASP A 331 9.03 17.11 3.08
N TYR A 332 9.44 16.18 3.94
CA TYR A 332 8.88 16.04 5.28
C TYR A 332 9.98 16.36 6.27
N PRO A 333 10.04 17.62 6.72
CA PRO A 333 11.05 17.97 7.73
C PRO A 333 10.76 17.28 9.07
N ILE A 334 11.74 16.52 9.55
CA ILE A 334 11.59 15.76 10.79
C ILE A 334 12.79 16.01 11.70
N PRO A 335 12.65 16.96 12.64
CA PRO A 335 13.76 17.27 13.55
C PRO A 335 14.14 16.05 14.38
N GLY A 336 15.44 15.85 14.58
CA GLY A 336 15.92 14.74 15.36
C GLY A 336 16.13 13.44 14.58
N ALA A 337 15.66 13.42 13.34
CA ALA A 337 15.82 12.24 12.50
C ALA A 337 17.28 12.00 12.16
N GLU A 338 17.70 10.74 12.21
CA GLU A 338 19.10 10.42 11.93
C GLU A 338 19.26 9.77 10.56
N LYS A 339 18.14 9.68 9.84
CA LYS A 339 18.14 9.17 8.46
C LYS A 339 17.54 10.19 7.51
N VAL A 340 18.01 10.17 6.27
CA VAL A 340 17.31 10.85 5.20
C VAL A 340 16.78 9.80 4.23
N ALA A 341 15.50 9.89 3.90
CA ALA A 341 14.89 8.93 3.00
C ALA A 341 14.24 9.65 1.82
N GLY A 342 14.41 9.08 0.63
CA GLY A 342 13.75 9.59 -0.56
C GLY A 342 12.75 8.56 -1.08
N VAL A 343 11.53 9.01 -1.33
CA VAL A 343 10.50 8.13 -1.88
C VAL A 343 10.00 8.70 -3.19
N ILE A 344 9.84 7.86 -4.19
CA ILE A 344 9.22 8.29 -5.42
C ILE A 344 7.95 7.48 -5.62
N LEU A 345 6.82 8.18 -5.73
CA LEU A 345 5.55 7.56 -6.01
C LEU A 345 5.30 7.75 -7.49
N LEU A 346 5.08 6.65 -8.20
CA LEU A 346 4.78 6.69 -9.62
C LEU A 346 3.38 6.13 -9.81
N SER A 347 2.47 6.96 -10.31
CA SER A 347 1.08 6.56 -10.43
C SER A 347 0.74 6.41 -11.90
N GLY A 348 -0.06 5.40 -12.23
CA GLY A 348 -0.49 5.22 -13.60
C GLY A 348 0.58 4.54 -14.45
N VAL A 349 1.31 3.61 -13.84
CA VAL A 349 2.30 2.86 -14.60
C VAL A 349 1.62 1.89 -15.56
N THR A 350 2.24 1.64 -16.70
CA THR A 350 1.65 0.82 -17.75
C THR A 350 2.68 -0.14 -18.36
N ASN A 351 2.19 -1.09 -19.15
CA ASN A 351 3.03 -2.11 -19.77
C ASN A 351 3.88 -2.84 -18.73
N VAL A 352 3.28 -3.08 -17.58
CA VAL A 352 3.96 -3.74 -16.47
C VAL A 352 3.89 -5.26 -16.69
N PRO A 353 5.05 -5.89 -16.89
CA PRO A 353 5.08 -7.35 -17.16
C PRO A 353 4.27 -8.15 -16.15
N ARG A 354 4.45 -7.86 -14.87
CA ARG A 354 3.74 -8.59 -13.83
C ARG A 354 2.23 -8.45 -13.97
N ILE A 355 1.76 -7.24 -14.31
CA ILE A 355 0.34 -7.02 -14.52
C ILE A 355 -0.16 -7.73 -15.78
N LYS A 356 0.64 -7.66 -16.85
CA LYS A 356 0.29 -8.37 -18.08
C LYS A 356 0.22 -9.90 -17.86
N GLU A 357 1.08 -10.43 -16.98
CA GLU A 357 1.01 -11.84 -16.64
C GLU A 357 -0.32 -12.20 -15.98
N LEU A 358 -0.70 -11.43 -14.97
CA LEU A 358 -1.92 -11.66 -14.22
C LEU A 358 -3.14 -11.58 -15.13
N GLN A 359 -3.19 -10.56 -15.98
CA GLN A 359 -4.26 -10.45 -16.96
C GLN A 359 -4.36 -11.71 -17.83
N GLN A 360 -3.22 -12.21 -18.30
CA GLN A 360 -3.19 -13.41 -19.10
C GLN A 360 -3.67 -14.63 -18.30
N VAL A 361 -3.21 -14.74 -17.07
CA VAL A 361 -3.65 -15.80 -16.16
C VAL A 361 -5.16 -15.79 -15.97
N ALA A 362 -5.73 -14.62 -15.69
CA ALA A 362 -7.17 -14.48 -15.50
C ALA A 362 -7.95 -14.83 -16.77
N ILE A 363 -7.46 -14.34 -17.90
CA ILE A 363 -8.10 -14.57 -19.19
C ILE A 363 -8.17 -16.06 -19.56
N GLU A 364 -7.05 -16.77 -19.38
CA GLU A 364 -6.99 -18.19 -19.68
C GLU A 364 -7.97 -18.99 -18.81
N ALA A 365 -8.08 -18.61 -17.54
CA ALA A 365 -8.97 -19.33 -16.62
C ALA A 365 -10.44 -19.06 -16.91
N GLN A 366 -10.73 -17.95 -17.58
CA GLN A 366 -12.09 -17.68 -18.04
C GLN A 366 -12.43 -18.62 -19.19
N ASP A 367 -11.60 -18.60 -20.22
CA ASP A 367 -11.78 -19.45 -21.39
C ASP A 367 -11.98 -20.91 -21.02
#